data_5F5L
#
_entry.id   5F5L
#
_cell.length_a   93.748
_cell.length_b   93.748
_cell.length_c   71.182
_cell.angle_alpha   90.000
_cell.angle_beta   90.000
_cell.angle_gamma   90.000
#
_symmetry.space_group_name_H-M   'P 4 21 2'
#
loop_
_entity.id
_entity.type
_entity.pdbx_description
1 polymer Monooxygenase
2 non-polymer GLYCEROL
3 non-polymer 2,3-DIHYDROXY-1,4-DITHIOBUTANE
4 water water
#
_entity_poly.entity_id   1
_entity_poly.type   'polypeptide(L)'
_entity_poly.pdbx_seq_one_letter_code
;SNRTILVTGATGTQGGATVRALLARGRPVRALVRDPGTDAARALAAAGVSLVTGDLNDQASLRAA(MSE)ADVHGVFSVQ
TF(MSE)TPGGLGAELRQGRAVADAAAATGVRHVVYSSVGGADRASGVPHFETKWTIERHLRSLGVPTTVLRPTFF
(MSE)DNFAAWGPQAVDGTLVVRLPLKPQTRVQLIAAEDIGVFAATAFDDPDTYVGAALELAGDELTGPELAARFGELAG
(MSE)PARFEERSLDEAAADPWIPYSHEIAV(MSE)FEWFQTDGYAADIAALRARHPGLRTFADWLRAIGWRVP
;
_entity_poly.pdbx_strand_id   A
#
loop_
_chem_comp.id
_chem_comp.type
_chem_comp.name
_chem_comp.formula
DTT non-polymer 2,3-DIHYDROXY-1,4-DITHIOBUTANE 'C4 H10 O2 S2'
GOL non-polymer GLYCEROL 'C3 H8 O3'
#
# COMPACT_ATOMS: atom_id res chain seq x y z
N SER A 1 17.61 -10.81 -18.26
CA SER A 1 17.64 -10.60 -19.72
C SER A 1 16.22 -10.61 -20.23
N ASN A 2 15.50 -9.52 -19.98
CA ASN A 2 15.94 -8.42 -19.13
C ASN A 2 15.27 -8.70 -17.78
N ARG A 3 15.87 -8.21 -16.70
CA ARG A 3 15.36 -8.46 -15.37
CA ARG A 3 15.35 -8.45 -15.37
C ARG A 3 14.68 -7.21 -14.76
N THR A 4 14.66 -6.11 -15.50
CA THR A 4 14.25 -4.81 -14.95
C THR A 4 12.78 -4.82 -14.55
N ILE A 5 12.50 -4.19 -13.42
CA ILE A 5 11.14 -3.91 -12.98
C ILE A 5 10.86 -2.41 -13.08
N LEU A 6 9.74 -2.05 -13.73
CA LEU A 6 9.24 -0.69 -13.70
C LEU A 6 8.36 -0.53 -12.47
N VAL A 7 8.69 0.41 -11.60
CA VAL A 7 7.90 0.64 -10.40
C VAL A 7 7.12 1.96 -10.56
N THR A 8 5.80 1.84 -10.62
CA THR A 8 4.90 2.99 -10.58
C THR A 8 4.77 3.49 -9.14
N GLY A 9 4.48 4.77 -8.99
CA GLY A 9 4.42 5.40 -7.67
C GLY A 9 5.72 5.28 -6.90
N ALA A 10 6.85 5.33 -7.62
CA ALA A 10 8.13 5.06 -7.02
C ALA A 10 8.53 6.08 -5.95
N THR A 11 7.97 7.30 -6.02
CA THR A 11 8.25 8.31 -5.05
C THR A 11 7.28 8.28 -3.85
N GLY A 12 6.24 7.43 -3.92
CA GLY A 12 5.28 7.27 -2.81
C GLY A 12 5.69 6.16 -1.86
N THR A 13 4.85 5.88 -0.86
CA THR A 13 5.25 4.99 0.23
C THR A 13 5.39 3.55 -0.22
N GLN A 14 4.39 3.03 -0.95
CA GLN A 14 4.45 1.63 -1.38
C GLN A 14 5.45 1.43 -2.48
N GLY A 15 5.44 2.34 -3.45
CA GLY A 15 6.41 2.22 -4.55
C GLY A 15 7.84 2.35 -4.05
N GLY A 16 8.06 3.26 -3.10
CA GLY A 16 9.38 3.44 -2.51
C GLY A 16 9.89 2.20 -1.80
N ALA A 17 9.00 1.56 -1.05
CA ALA A 17 9.32 0.34 -0.36
C ALA A 17 9.63 -0.79 -1.32
N THR A 18 8.92 -0.77 -2.43
CA THR A 18 9.08 -1.81 -3.47
C THR A 18 10.42 -1.62 -4.15
N VAL A 19 10.76 -0.38 -4.47
CA VAL A 19 12.09 -0.09 -4.99
C VAL A 19 13.17 -0.66 -4.07
N ARG A 20 13.08 -0.40 -2.76
CA ARG A 20 14.12 -0.88 -1.83
C ARG A 20 14.21 -2.39 -1.82
N ALA A 21 13.06 -3.06 -1.82
CA ALA A 21 13.04 -4.52 -1.73
C ALA A 21 13.64 -5.12 -3.00
N LEU A 22 13.35 -4.49 -4.15
CA LEU A 22 13.86 -4.98 -5.42
C LEU A 22 15.37 -4.82 -5.51
N LEU A 23 15.86 -3.66 -5.13
CA LEU A 23 17.31 -3.42 -5.10
C LEU A 23 18.02 -4.37 -4.13
N ALA A 24 17.34 -4.72 -3.06
CA ALA A 24 17.92 -5.65 -2.08
C ALA A 24 18.02 -7.09 -2.60
N ARG A 25 17.30 -7.39 -3.66
CA ARG A 25 17.37 -8.70 -4.31
CA ARG A 25 17.35 -8.70 -4.29
C ARG A 25 18.16 -8.63 -5.61
N GLY A 26 18.78 -7.49 -5.86
CA GLY A 26 19.58 -7.27 -7.08
C GLY A 26 18.84 -7.20 -8.39
N ARG A 27 17.59 -6.79 -8.34
CA ARG A 27 16.84 -6.45 -9.54
C ARG A 27 17.24 -5.05 -10.00
N PRO A 28 17.37 -4.86 -11.31
CA PRO A 28 17.43 -3.51 -11.81
C PRO A 28 16.05 -2.88 -11.72
N VAL A 29 16.00 -1.59 -11.44
CA VAL A 29 14.74 -0.89 -11.24
C VAL A 29 14.69 0.36 -12.10
N ARG A 30 13.51 0.59 -12.68
CA ARG A 30 13.25 1.75 -13.53
C ARG A 30 12.00 2.45 -12.99
N ALA A 31 11.98 3.77 -13.05
CA ALA A 31 10.82 4.55 -12.67
C ALA A 31 10.58 5.66 -13.67
N LEU A 32 9.30 5.89 -13.98
CA LEU A 32 8.86 6.97 -14.87
C LEU A 32 8.36 8.09 -14.02
N VAL A 33 9.06 9.23 -14.04
CA VAL A 33 8.67 10.37 -13.20
C VAL A 33 8.55 11.65 -14.02
N ARG A 34 7.61 12.52 -13.62
CA ARG A 34 7.38 13.76 -14.37
C ARG A 34 8.57 14.72 -14.22
N ASP A 35 9.19 14.73 -13.05
CA ASP A 35 10.29 15.64 -12.80
C ASP A 35 11.43 14.94 -12.07
N PRO A 36 12.55 14.69 -12.76
CA PRO A 36 13.63 13.97 -12.11
C PRO A 36 14.50 14.85 -11.23
N GLY A 37 14.06 16.09 -10.99
CA GLY A 37 14.82 17.04 -10.21
C GLY A 37 14.38 17.14 -8.75
N THR A 38 13.22 16.55 -8.44
CA THR A 38 12.72 16.51 -7.07
C THR A 38 13.67 15.78 -6.12
N ASP A 39 13.57 16.10 -4.83
CA ASP A 39 14.38 15.37 -3.84
C ASP A 39 14.10 13.87 -3.91
N ALA A 40 12.83 13.51 -4.05
CA ALA A 40 12.44 12.10 -4.08
C ALA A 40 12.99 11.39 -5.33
N ALA A 41 12.88 12.05 -6.48
CA ALA A 41 13.43 11.48 -7.70
C ALA A 41 14.95 11.37 -7.62
N ARG A 42 15.60 12.40 -7.08
CA ARG A 42 17.04 12.37 -7.02
C ARG A 42 17.52 11.27 -6.04
N ALA A 43 16.70 10.98 -5.03
CA ALA A 43 17.05 9.94 -4.07
C ALA A 43 16.97 8.56 -4.72
N LEU A 44 15.96 8.37 -5.57
CA LEU A 44 15.86 7.16 -6.39
C LEU A 44 17.10 7.00 -7.28
N ALA A 45 17.52 8.08 -7.94
CA ALA A 45 18.68 7.99 -8.82
C ALA A 45 19.93 7.60 -8.02
N ALA A 46 20.09 8.19 -6.84
CA ALA A 46 21.26 7.91 -6.01
C ALA A 46 21.28 6.45 -5.57
N ALA A 47 20.10 5.84 -5.49
CA ALA A 47 19.98 4.45 -5.07
C ALA A 47 20.23 3.50 -6.23
N GLY A 48 20.45 4.04 -7.44
CA GLY A 48 20.66 3.23 -8.62
C GLY A 48 19.44 2.97 -9.50
N VAL A 49 18.31 3.62 -9.22
CA VAL A 49 17.13 3.51 -10.09
C VAL A 49 17.35 4.30 -11.37
N SER A 50 17.06 3.68 -12.50
CA SER A 50 17.05 4.43 -13.76
CA SER A 50 17.03 4.38 -13.79
C SER A 50 15.74 5.19 -13.95
N LEU A 51 15.85 6.51 -14.03
CA LEU A 51 14.67 7.36 -14.22
C LEU A 51 14.41 7.63 -15.70
N VAL A 52 13.17 7.45 -16.11
CA VAL A 52 12.70 7.96 -17.38
C VAL A 52 11.78 9.12 -17.11
N THR A 53 12.02 10.25 -17.77
CA THR A 53 11.16 11.36 -17.52
C THR A 53 9.99 11.38 -18.49
N GLY A 54 8.81 11.52 -17.90
CA GLY A 54 7.58 11.41 -18.67
C GLY A 54 6.42 11.35 -17.71
N ASP A 55 5.21 11.53 -18.24
CA ASP A 55 3.96 11.35 -17.50
C ASP A 55 3.35 10.00 -17.82
N LEU A 56 3.04 9.23 -16.80
CA LEU A 56 2.51 7.90 -17.02
C LEU A 56 1.09 7.92 -17.58
N ASN A 57 0.39 9.04 -17.40
CA ASN A 57 -0.97 9.17 -17.95
C ASN A 57 -0.97 9.40 -19.47
N ASP A 58 0.20 9.63 -20.04
CA ASP A 58 0.38 9.49 -21.48
C ASP A 58 0.63 8.02 -21.86
N GLN A 59 -0.36 7.39 -22.47
CA GLN A 59 -0.29 5.98 -22.87
C GLN A 59 1.04 5.65 -23.52
N ALA A 60 1.44 6.43 -24.53
CA ALA A 60 2.66 6.15 -25.27
C ALA A 60 3.89 6.22 -24.37
N SER A 61 3.87 7.13 -23.41
CA SER A 61 4.99 7.27 -22.48
C SER A 61 5.10 6.04 -21.59
N LEU A 62 3.94 5.50 -21.21
CA LEU A 62 3.85 4.38 -20.30
C LEU A 62 4.34 3.12 -21.03
N ARG A 63 3.95 2.98 -22.29
CA ARG A 63 4.43 1.85 -23.08
C ARG A 63 5.91 1.94 -23.29
N ALA A 64 6.38 3.16 -23.55
CA ALA A 64 7.80 3.39 -23.79
C ALA A 64 8.58 3.01 -22.54
N ALA A 65 8.05 3.39 -21.38
CA ALA A 65 8.71 3.10 -20.10
C ALA A 65 8.79 1.57 -19.81
N MSE A 66 7.90 0.80 -20.40
CA MSE A 66 7.89 -0.65 -20.24
C MSE A 66 8.72 -1.41 -21.26
O MSE A 66 8.74 -2.64 -21.25
CB MSE A 66 6.46 -1.14 -20.33
CG MSE A 66 5.68 -0.65 -19.13
SE MSE A 66 3.83 -1.34 -19.17
CE MSE A 66 3.22 -0.29 -17.65
N ALA A 67 9.37 -0.71 -22.18
CA ALA A 67 10.26 -1.34 -23.14
C ALA A 67 11.29 -2.20 -22.46
N ASP A 68 11.24 -3.50 -22.78
CA ASP A 68 12.21 -4.50 -22.35
C ASP A 68 12.14 -4.85 -20.88
N VAL A 69 11.15 -4.35 -20.15
CA VAL A 69 11.13 -4.69 -18.73
C VAL A 69 10.50 -6.07 -18.55
N HIS A 70 10.92 -6.74 -17.47
CA HIS A 70 10.38 -8.03 -17.12
C HIS A 70 9.02 -7.83 -16.43
N GLY A 71 8.99 -6.91 -15.49
CA GLY A 71 7.82 -6.79 -14.61
C GLY A 71 7.43 -5.34 -14.37
N VAL A 72 6.22 -5.15 -13.83
CA VAL A 72 5.71 -3.85 -13.45
C VAL A 72 5.05 -3.97 -12.08
N PHE A 73 5.41 -3.06 -11.17
CA PHE A 73 4.64 -2.87 -9.94
C PHE A 73 3.66 -1.75 -10.12
N SER A 74 2.40 -2.09 -10.06
CA SER A 74 1.29 -1.16 -10.33
C SER A 74 0.58 -0.75 -9.04
N VAL A 75 0.60 0.53 -8.73
CA VAL A 75 -0.10 1.09 -7.58
C VAL A 75 -0.60 2.50 -7.90
N GLN A 76 -1.82 2.79 -7.47
CA GLN A 76 -2.46 4.09 -7.63
C GLN A 76 -3.09 4.48 -6.29
N THR A 77 -3.45 5.74 -6.17
CA THR A 77 -4.19 6.22 -5.00
C THR A 77 -5.42 6.97 -5.42
N PHE A 78 -6.50 6.89 -4.62
CA PHE A 78 -7.70 7.72 -4.91
C PHE A 78 -7.53 9.16 -4.43
N MSE A 79 -6.49 9.39 -3.65
CA MSE A 79 -6.29 10.68 -2.99
C MSE A 79 -5.54 11.62 -3.89
O MSE A 79 -4.40 12.00 -3.62
CB MSE A 79 -5.57 10.46 -1.68
CG MSE A 79 -6.43 9.64 -0.72
SE MSE A 79 -5.62 9.50 1.07
CE MSE A 79 -4.57 7.89 0.72
N THR A 80 -6.20 11.99 -5.00
CA THR A 80 -5.77 13.04 -5.89
C THR A 80 -7.02 13.81 -6.32
N PRO A 81 -6.85 14.98 -6.97
CA PRO A 81 -8.02 15.76 -7.34
C PRO A 81 -8.97 15.06 -8.31
N GLY A 82 -8.48 14.10 -9.08
CA GLY A 82 -9.31 13.32 -10.00
C GLY A 82 -10.00 12.14 -9.34
N GLY A 83 -9.65 11.91 -8.07
CA GLY A 83 -10.34 10.88 -7.24
C GLY A 83 -10.41 9.47 -7.81
N LEU A 84 -11.52 8.79 -7.56
CA LEU A 84 -11.67 7.39 -7.92
C LEU A 84 -11.74 7.19 -9.43
N GLY A 85 -12.33 8.14 -10.15
CA GLY A 85 -12.35 8.02 -11.58
C GLY A 85 -10.95 8.03 -12.17
N ALA A 86 -10.11 8.94 -11.69
CA ALA A 86 -8.72 9.07 -12.16
C ALA A 86 -7.95 7.82 -11.79
N GLU A 87 -8.12 7.35 -10.55
CA GLU A 87 -7.46 6.11 -10.13
C GLU A 87 -7.80 4.94 -11.06
N LEU A 88 -9.09 4.74 -11.32
CA LEU A 88 -9.53 3.64 -12.14
C LEU A 88 -8.90 3.73 -13.53
N ARG A 89 -8.93 4.91 -14.14
CA ARG A 89 -8.40 5.04 -15.50
C ARG A 89 -6.91 4.70 -15.53
N GLN A 90 -6.19 5.17 -14.51
CA GLN A 90 -4.75 4.94 -14.47
C GLN A 90 -4.44 3.47 -14.25
N GLY A 91 -5.11 2.86 -13.30
CA GLY A 91 -4.91 1.43 -13.06
C GLY A 91 -5.19 0.61 -14.32
N ARG A 92 -6.25 0.96 -15.03
CA ARG A 92 -6.56 0.17 -16.24
C ARG A 92 -5.56 0.46 -17.36
N ALA A 93 -5.04 1.67 -17.40
CA ALA A 93 -4.06 2.07 -18.41
C ALA A 93 -2.70 1.39 -18.18
N VAL A 94 -2.30 1.26 -16.92
CA VAL A 94 -1.08 0.48 -16.62
C VAL A 94 -1.24 -0.97 -17.07
N ALA A 95 -2.39 -1.54 -16.78
CA ALA A 95 -2.70 -2.91 -17.19
C ALA A 95 -2.66 -3.04 -18.72
N ASP A 96 -3.32 -2.14 -19.41
CA ASP A 96 -3.35 -2.15 -20.88
C ASP A 96 -1.93 -2.05 -21.46
N ALA A 97 -1.12 -1.13 -20.92
CA ALA A 97 0.27 -0.95 -21.35
C ALA A 97 1.12 -2.21 -21.16
N ALA A 98 0.97 -2.84 -20.02
CA ALA A 98 1.64 -4.09 -19.77
C ALA A 98 1.24 -5.16 -20.79
N ALA A 99 -0.04 -5.28 -21.10
CA ALA A 99 -0.53 -6.26 -22.07
C ALA A 99 0.05 -5.96 -23.44
N ALA A 100 0.14 -4.69 -23.80
CA ALA A 100 0.56 -4.29 -25.13
C ALA A 100 2.05 -4.47 -25.40
N THR A 101 2.87 -4.33 -24.35
CA THR A 101 4.32 -4.36 -24.41
C THR A 101 4.95 -5.69 -23.98
N GLY A 102 4.13 -6.71 -23.76
CA GLY A 102 4.66 -8.04 -23.49
C GLY A 102 5.29 -8.21 -22.10
N VAL A 103 4.92 -7.34 -21.16
CA VAL A 103 5.36 -7.50 -19.77
C VAL A 103 5.07 -8.91 -19.26
N ARG A 104 6.06 -9.53 -18.63
CA ARG A 104 5.90 -10.93 -18.20
C ARG A 104 5.20 -11.13 -16.86
N HIS A 105 5.20 -10.09 -16.03
CA HIS A 105 4.62 -10.23 -14.68
C HIS A 105 4.22 -8.88 -14.13
N VAL A 106 2.94 -8.69 -13.83
CA VAL A 106 2.51 -7.49 -13.12
C VAL A 106 2.24 -7.87 -11.65
N VAL A 107 2.78 -7.07 -10.72
CA VAL A 107 2.33 -7.13 -9.32
C VAL A 107 1.46 -5.92 -9.05
N TYR A 108 0.19 -6.15 -8.74
CA TYR A 108 -0.76 -5.06 -8.55
C TYR A 108 -1.14 -4.95 -7.07
N SER A 109 -1.03 -3.74 -6.52
CA SER A 109 -1.44 -3.44 -5.15
C SER A 109 -2.92 -3.03 -5.07
N SER A 110 -3.74 -3.95 -4.56
CA SER A 110 -5.15 -3.77 -4.40
C SER A 110 -5.44 -3.44 -2.93
N VAL A 111 -6.42 -4.11 -2.32
CA VAL A 111 -6.76 -3.83 -0.92
C VAL A 111 -7.49 -5.04 -0.37
N GLY A 112 -7.21 -5.38 0.89
CA GLY A 112 -7.86 -6.52 1.51
C GLY A 112 -9.36 -6.34 1.48
N GLY A 113 -10.07 -7.41 1.12
CA GLY A 113 -11.52 -7.33 0.97
C GLY A 113 -12.05 -6.85 -0.35
N ALA A 114 -11.17 -6.48 -1.27
CA ALA A 114 -11.62 -5.95 -2.56
C ALA A 114 -12.55 -6.95 -3.24
N ASP A 115 -12.28 -8.21 -2.96
CA ASP A 115 -12.99 -9.34 -3.55
C ASP A 115 -14.25 -9.76 -2.78
N ARG A 116 -14.57 -9.07 -1.70
CA ARG A 116 -15.65 -9.44 -0.82
C ARG A 116 -16.81 -8.46 -0.83
N ALA A 117 -16.96 -7.72 -1.93
CA ALA A 117 -18.10 -6.84 -2.14
C ALA A 117 -18.33 -5.91 -0.94
N SER A 118 -17.27 -5.25 -0.54
CA SER A 118 -17.28 -4.38 0.63
C SER A 118 -18.25 -3.22 0.50
N GLY A 119 -18.42 -2.70 -0.70
CA GLY A 119 -19.14 -1.46 -0.89
C GLY A 119 -18.37 -0.21 -0.55
N VAL A 120 -17.12 -0.37 -0.12
CA VAL A 120 -16.30 0.80 0.18
C VAL A 120 -15.79 1.36 -1.17
N PRO A 121 -16.13 2.62 -1.51
CA PRO A 121 -15.86 3.08 -2.90
C PRO A 121 -14.43 2.90 -3.34
N HIS A 122 -13.46 3.19 -2.50
CA HIS A 122 -12.08 3.02 -2.93
C HIS A 122 -11.58 1.58 -2.94
N PHE A 123 -12.34 0.67 -2.36
CA PHE A 123 -12.02 -0.76 -2.46
C PHE A 123 -12.58 -1.25 -3.79
N GLU A 124 -13.76 -0.75 -4.15
CA GLU A 124 -14.42 -1.21 -5.32
C GLU A 124 -13.67 -0.81 -6.59
N THR A 125 -13.04 0.34 -6.58
CA THR A 125 -12.20 0.72 -7.70
CA THR A 125 -12.19 0.71 -7.71
C THR A 125 -11.04 -0.26 -7.92
N LYS A 126 -10.42 -0.68 -6.83
CA LYS A 126 -9.31 -1.63 -6.94
C LYS A 126 -9.80 -2.99 -7.44
N TRP A 127 -10.99 -3.41 -7.00
CA TRP A 127 -11.57 -4.62 -7.53
C TRP A 127 -11.82 -4.57 -9.05
N THR A 128 -12.30 -3.42 -9.52
CA THR A 128 -12.52 -3.20 -10.94
C THR A 128 -11.21 -3.30 -11.74
N ILE A 129 -10.14 -2.77 -11.18
CA ILE A 129 -8.80 -2.88 -11.76
C ILE A 129 -8.29 -4.32 -11.76
N GLU A 130 -8.51 -5.05 -10.67
CA GLU A 130 -8.19 -6.48 -10.65
C GLU A 130 -8.89 -7.22 -11.79
N ARG A 131 -10.19 -6.99 -11.92
CA ARG A 131 -10.99 -7.68 -12.94
C ARG A 131 -10.45 -7.36 -14.34
N HIS A 132 -10.06 -6.10 -14.56
CA HIS A 132 -9.53 -5.70 -15.86
C HIS A 132 -8.21 -6.44 -16.16
N LEU A 133 -7.30 -6.46 -15.20
CA LEU A 133 -6.07 -7.21 -15.34
C LEU A 133 -6.33 -8.66 -15.67
N ARG A 134 -7.28 -9.27 -14.99
CA ARG A 134 -7.61 -10.68 -15.22
C ARG A 134 -8.15 -10.88 -16.63
N SER A 135 -8.93 -9.92 -17.12
CA SER A 135 -9.54 -10.01 -18.44
C SER A 135 -8.50 -9.95 -19.55
N LEU A 136 -7.40 -9.25 -19.31
CA LEU A 136 -6.32 -9.12 -20.28
C LEU A 136 -5.39 -10.33 -20.34
N GLY A 137 -5.43 -11.18 -19.32
CA GLY A 137 -4.57 -12.36 -19.24
C GLY A 137 -3.10 -12.10 -18.98
N VAL A 138 -2.75 -10.91 -18.52
CA VAL A 138 -1.36 -10.64 -18.20
C VAL A 138 -1.03 -11.35 -16.89
N PRO A 139 0.11 -12.08 -16.84
CA PRO A 139 0.41 -12.81 -15.60
C PRO A 139 0.53 -11.83 -14.44
N THR A 140 -0.19 -12.09 -13.37
CA THR A 140 -0.39 -11.11 -12.31
C THR A 140 -0.26 -11.77 -10.95
N THR A 141 0.33 -11.01 -10.03
CA THR A 141 0.17 -11.25 -8.58
C THR A 141 -0.52 -10.05 -7.98
N VAL A 142 -1.62 -10.29 -7.27
CA VAL A 142 -2.32 -9.23 -6.56
C VAL A 142 -1.96 -9.29 -5.10
N LEU A 143 -1.46 -8.17 -4.59
CA LEU A 143 -1.28 -8.02 -3.16
C LEU A 143 -2.46 -7.19 -2.66
N ARG A 144 -3.05 -7.60 -1.54
CA ARG A 144 -4.19 -6.90 -0.98
C ARG A 144 -3.83 -6.48 0.45
N PRO A 145 -3.20 -5.33 0.57
CA PRO A 145 -2.85 -4.84 1.89
C PRO A 145 -4.03 -4.56 2.75
N THR A 146 -3.84 -4.73 4.06
CA THR A 146 -4.83 -4.30 5.06
C THR A 146 -4.51 -2.87 5.47
N PHE A 147 -4.86 -2.49 6.69
CA PHE A 147 -4.73 -1.07 7.11
C PHE A 147 -3.25 -0.66 7.20
N PHE A 148 -2.85 0.34 6.41
CA PHE A 148 -1.45 0.69 6.43
C PHE A 148 -1.03 1.33 7.75
N MSE A 149 0.04 0.81 8.31
CA MSE A 149 0.62 1.34 9.53
C MSE A 149 1.05 2.78 9.28
O MSE A 149 0.89 3.63 10.16
CB MSE A 149 1.83 0.53 9.95
CG MSE A 149 1.43 -0.86 10.47
SE MSE A 149 2.95 -1.97 10.93
CE MSE A 149 1.99 -3.64 11.37
N ASP A 150 1.51 3.02 8.05
CA ASP A 150 2.17 4.27 7.65
C ASP A 150 1.14 5.42 7.66
N ASN A 151 -0.12 5.15 7.42
CA ASN A 151 -1.07 6.26 7.38
C ASN A 151 -1.82 6.45 8.68
N PHE A 152 -2.25 5.34 9.27
CA PHE A 152 -2.48 5.29 10.71
C PHE A 152 -1.23 5.40 11.57
N ALA A 153 -0.48 6.45 11.34
CA ALA A 153 0.36 6.96 12.36
C ALA A 153 0.25 8.45 12.23
N ALA A 154 -0.12 8.88 11.03
CA ALA A 154 -0.18 10.30 10.69
C ALA A 154 -1.48 10.98 11.17
N TRP A 155 -2.54 10.21 11.42
CA TRP A 155 -3.75 10.81 11.97
C TRP A 155 -4.38 10.10 13.18
N GLY A 156 -3.80 9.00 13.65
CA GLY A 156 -4.39 8.25 14.78
C GLY A 156 -4.24 8.94 16.13
N PRO A 157 -2.99 9.07 16.61
CA PRO A 157 -2.66 9.56 17.96
C PRO A 157 -2.50 11.06 18.05
N GLN A 158 -2.95 11.64 19.17
CA GLN A 158 -2.85 13.06 19.47
C GLN A 158 -2.42 13.22 20.96
N ALA A 159 -1.43 14.06 21.24
CA ALA A 159 -1.04 14.38 22.60
C ALA A 159 -2.00 15.39 23.23
N VAL A 160 -2.54 15.02 24.39
CA VAL A 160 -3.43 15.89 25.10
C VAL A 160 -2.87 16.00 26.53
N ASP A 161 -2.21 17.11 26.81
CA ASP A 161 -1.62 17.35 28.13
C ASP A 161 -0.83 16.15 28.62
N GLY A 162 0.00 15.58 27.76
CA GLY A 162 0.95 14.57 28.19
C GLY A 162 0.43 13.13 28.12
N THR A 163 -0.82 12.96 27.67
CA THR A 163 -1.38 11.66 27.39
C THR A 163 -1.62 11.53 25.89
N LEU A 164 -1.24 10.39 25.33
CA LEU A 164 -1.54 10.10 23.91
C LEU A 164 -2.92 9.50 23.78
N VAL A 165 -3.77 10.15 22.97
CA VAL A 165 -5.16 9.75 22.81
C VAL A 165 -5.38 9.32 21.37
N VAL A 166 -5.74 8.05 21.21
CA VAL A 166 -6.16 7.53 19.92
C VAL A 166 -7.66 7.54 19.88
N ARG A 167 -8.18 8.41 19.01
CA ARG A 167 -9.59 8.57 18.87
C ARG A 167 -9.97 8.17 17.45
N LEU A 168 -10.69 7.06 17.32
CA LEU A 168 -11.07 6.51 16.01
C LEU A 168 -12.48 5.95 16.07
N PRO A 169 -13.14 5.86 14.90
CA PRO A 169 -14.45 5.21 14.88
C PRO A 169 -14.35 3.70 14.86
N LEU A 170 -13.87 3.16 15.97
CA LEU A 170 -13.83 1.72 16.27
C LEU A 170 -14.50 1.49 17.61
N LYS A 171 -15.20 0.37 17.76
CA LYS A 171 -15.53 -0.10 19.10
C LYS A 171 -14.27 -0.61 19.80
N PRO A 172 -14.21 -0.51 21.14
CA PRO A 172 -12.94 -0.85 21.83
C PRO A 172 -12.48 -2.29 21.57
N GLN A 173 -13.42 -3.18 21.27
CA GLN A 173 -13.05 -4.54 20.98
C GLN A 173 -12.89 -4.84 19.47
N THR A 174 -13.11 -3.86 18.58
CA THR A 174 -12.96 -4.11 17.12
C THR A 174 -11.47 -4.36 16.82
N ARG A 175 -11.14 -5.52 16.24
CA ARG A 175 -9.75 -5.83 15.87
C ARG A 175 -9.55 -5.38 14.44
N VAL A 176 -8.43 -4.72 14.19
CA VAL A 176 -8.07 -4.23 12.85
C VAL A 176 -6.72 -4.84 12.43
N GLN A 177 -6.67 -5.43 11.23
CA GLN A 177 -5.41 -5.89 10.70
C GLN A 177 -4.62 -4.75 10.07
N LEU A 178 -3.32 -4.76 10.29
CA LEU A 178 -2.43 -3.70 9.83
C LEU A 178 -1.27 -4.31 9.08
N ILE A 179 -0.67 -3.50 8.18
CA ILE A 179 0.49 -3.93 7.41
C ILE A 179 1.45 -2.73 7.22
N ALA A 180 2.75 -3.01 7.30
CA ALA A 180 3.79 -2.04 7.02
C ALA A 180 3.99 -1.96 5.51
N ALA A 181 4.13 -0.75 4.98
CA ALA A 181 4.45 -0.59 3.56
C ALA A 181 5.73 -1.33 3.19
N GLU A 182 6.70 -1.37 4.10
CA GLU A 182 7.93 -2.07 3.83
C GLU A 182 7.69 -3.56 3.47
N ASP A 183 6.69 -4.17 4.11
CA ASP A 183 6.35 -5.55 3.81
C ASP A 183 5.59 -5.76 2.51
N ILE A 184 4.85 -4.76 2.07
CA ILE A 184 4.33 -4.81 0.72
C ILE A 184 5.48 -4.89 -0.28
N GLY A 185 6.49 -4.07 -0.08
CA GLY A 185 7.71 -4.16 -0.90
C GLY A 185 8.33 -5.54 -0.90
N VAL A 186 8.50 -6.11 0.30
CA VAL A 186 9.08 -7.44 0.41
C VAL A 186 8.27 -8.45 -0.42
N PHE A 187 6.95 -8.46 -0.26
CA PHE A 187 6.14 -9.43 -0.97
C PHE A 187 6.12 -9.18 -2.47
N ALA A 188 6.18 -7.91 -2.90
CA ALA A 188 6.23 -7.63 -4.35
C ALA A 188 7.53 -8.22 -4.94
N ALA A 189 8.65 -7.95 -4.30
CA ALA A 189 9.94 -8.42 -4.80
C ALA A 189 10.04 -9.93 -4.73
N THR A 190 9.50 -10.52 -3.66
CA THR A 190 9.45 -11.96 -3.52
C THR A 190 8.64 -12.61 -4.66
N ALA A 191 7.53 -11.96 -5.01
CA ALA A 191 6.67 -12.46 -6.08
C ALA A 191 7.40 -12.51 -7.43
N PHE A 192 8.13 -11.46 -7.76
CA PHE A 192 8.84 -11.42 -9.06
C PHE A 192 9.90 -12.53 -9.15
N ASP A 193 10.52 -12.87 -8.01
CA ASP A 193 11.61 -13.85 -8.00
C ASP A 193 11.11 -15.29 -7.79
N ASP A 194 9.82 -15.43 -7.52
CA ASP A 194 9.19 -16.75 -7.40
C ASP A 194 7.84 -16.83 -8.10
N PRO A 195 7.86 -16.73 -9.43
CA PRO A 195 6.61 -16.68 -10.17
C PRO A 195 5.79 -17.96 -10.04
N ASP A 196 6.45 -19.09 -9.85
CA ASP A 196 5.73 -20.35 -9.70
C ASP A 196 4.77 -20.31 -8.52
N THR A 197 5.19 -19.70 -7.42
CA THR A 197 4.35 -19.61 -6.24
C THR A 197 3.37 -18.42 -6.36
N TYR A 198 3.81 -17.34 -7.01
CA TYR A 198 3.09 -16.07 -6.92
C TYR A 198 2.23 -15.66 -8.10
N VAL A 199 2.53 -16.13 -9.32
CA VAL A 199 1.69 -15.76 -10.44
C VAL A 199 0.34 -16.46 -10.29
N GLY A 200 -0.72 -15.68 -10.46
CA GLY A 200 -2.09 -16.12 -10.25
C GLY A 200 -2.56 -16.07 -8.82
N ALA A 201 -1.68 -15.66 -7.91
CA ALA A 201 -2.05 -15.53 -6.52
C ALA A 201 -2.58 -14.13 -6.19
N ALA A 202 -3.48 -14.08 -5.23
CA ALA A 202 -3.94 -12.83 -4.61
C ALA A 202 -3.83 -13.01 -3.11
N LEU A 203 -2.97 -12.22 -2.48
CA LEU A 203 -2.62 -12.45 -1.08
C LEU A 203 -2.99 -11.24 -0.24
N GLU A 204 -3.86 -11.46 0.75
CA GLU A 204 -4.19 -10.43 1.71
C GLU A 204 -3.07 -10.29 2.72
N LEU A 205 -2.59 -9.07 2.95
CA LEU A 205 -1.36 -8.87 3.72
C LEU A 205 -1.57 -8.11 5.04
N ALA A 206 -1.16 -8.74 6.15
CA ALA A 206 -1.14 -8.08 7.46
C ALA A 206 0.06 -8.61 8.21
N GLY A 207 0.65 -7.77 9.07
CA GLY A 207 1.68 -8.19 10.01
C GLY A 207 1.24 -8.14 11.47
N ASP A 208 0.06 -7.60 11.72
CA ASP A 208 -0.48 -7.45 13.10
C ASP A 208 -1.98 -7.31 13.05
N GLU A 209 -2.60 -7.53 14.20
CA GLU A 209 -4.05 -7.39 14.34
CA GLU A 209 -4.04 -7.39 14.34
C GLU A 209 -4.31 -6.94 15.77
N LEU A 210 -4.81 -5.73 15.92
CA LEU A 210 -4.86 -5.02 17.20
C LEU A 210 -6.18 -4.26 17.34
N THR A 211 -6.59 -4.05 18.58
CA THR A 211 -7.71 -3.16 18.89
C THR A 211 -7.19 -1.73 19.09
N GLY A 212 -8.12 -0.78 19.17
CA GLY A 212 -7.82 0.60 19.49
C GLY A 212 -7.01 0.74 20.78
N PRO A 213 -7.47 0.09 21.85
CA PRO A 213 -6.69 0.17 23.11
C PRO A 213 -5.27 -0.35 22.97
N GLU A 214 -5.10 -1.43 22.21
CA GLU A 214 -3.78 -1.97 21.99
C GLU A 214 -2.90 -1.03 21.16
N LEU A 215 -3.47 -0.41 20.13
CA LEU A 215 -2.76 0.57 19.35
C LEU A 215 -2.25 1.74 20.22
N ALA A 216 -3.15 2.28 21.03
CA ALA A 216 -2.73 3.34 21.96
C ALA A 216 -1.55 2.91 22.87
N ALA A 217 -1.63 1.70 23.41
CA ALA A 217 -0.59 1.19 24.31
C ALA A 217 0.74 1.10 23.61
N ARG A 218 0.72 0.71 22.33
CA ARG A 218 1.97 0.67 21.58
C ARG A 218 2.61 2.04 21.32
N PHE A 219 1.79 3.04 21.02
CA PHE A 219 2.31 4.41 20.84
C PHE A 219 2.87 4.88 22.17
N GLY A 220 2.13 4.66 23.24
CA GLY A 220 2.55 5.16 24.57
C GLY A 220 3.83 4.53 25.06
N GLU A 221 3.98 3.23 24.81
CA GLU A 221 5.15 2.51 25.21
C GLU A 221 6.41 3.08 24.53
N LEU A 222 6.32 3.32 23.23
CA LEU A 222 7.45 3.90 22.51
C LEU A 222 7.76 5.30 23.00
N ALA A 223 6.72 6.11 23.18
CA ALA A 223 6.87 7.52 23.51
C ALA A 223 7.15 7.79 24.96
N GLY A 224 7.10 6.77 25.80
CA GLY A 224 7.26 6.97 27.25
C GLY A 224 6.18 7.85 27.84
N MSE A 225 4.95 7.70 27.37
CA MSE A 225 3.79 8.50 27.80
C MSE A 225 2.63 7.58 28.11
O MSE A 225 2.47 6.54 27.47
CB MSE A 225 3.36 9.41 26.66
CG MSE A 225 4.48 10.42 26.39
SE MSE A 225 4.05 11.49 24.79
CE MSE A 225 2.42 12.35 25.42
N PRO A 226 1.76 7.98 29.05
CA PRO A 226 0.47 7.34 29.16
C PRO A 226 -0.32 7.49 27.88
N ALA A 227 -1.15 6.50 27.58
CA ALA A 227 -2.00 6.52 26.40
C ALA A 227 -3.38 5.95 26.69
N ARG A 228 -4.36 6.32 25.89
CA ARG A 228 -5.69 5.74 25.98
C ARG A 228 -6.37 5.81 24.63
N PHE A 229 -7.36 4.94 24.48
CA PHE A 229 -8.20 4.90 23.30
C PHE A 229 -9.59 5.39 23.68
N GLU A 230 -10.18 6.16 22.75
CA GLU A 230 -11.55 6.68 22.89
C GLU A 230 -12.30 6.40 21.59
N GLU A 231 -13.43 5.72 21.66
CA GLU A 231 -14.30 5.53 20.50
C GLU A 231 -14.96 6.83 20.10
N ARG A 232 -15.01 7.13 18.81
CA ARG A 232 -15.94 8.15 18.34
C ARG A 232 -16.95 7.58 17.38
N SER A 233 -18.08 8.27 17.23
CA SER A 233 -19.14 7.73 16.40
C SER A 233 -18.69 7.79 14.94
N LEU A 234 -19.33 6.97 14.13
CA LEU A 234 -19.08 7.04 12.68
C LEU A 234 -19.53 8.38 12.10
N ASP A 235 -20.68 8.87 12.57
CA ASP A 235 -21.15 10.16 12.08
C ASP A 235 -20.14 11.27 12.40
N GLU A 236 -19.59 11.27 13.61
CA GLU A 236 -18.66 12.32 13.98
C GLU A 236 -17.40 12.25 13.13
N ALA A 237 -16.90 11.03 12.94
CA ALA A 237 -15.70 10.86 12.16
C ALA A 237 -15.91 11.27 10.69
N ALA A 238 -17.10 10.96 10.18
CA ALA A 238 -17.41 11.25 8.78
C ALA A 238 -17.42 12.73 8.51
N ALA A 239 -17.92 13.49 9.49
CA ALA A 239 -18.16 14.91 9.28
C ALA A 239 -16.98 15.80 9.66
N ASP A 240 -15.87 15.19 10.06
CA ASP A 240 -14.69 15.94 10.54
C ASP A 240 -14.04 16.74 9.43
N PRO A 241 -14.04 18.08 9.55
CA PRO A 241 -13.40 18.91 8.52
C PRO A 241 -11.89 18.76 8.41
N TRP A 242 -11.23 18.16 9.41
CA TRP A 242 -9.78 18.10 9.44
C TRP A 242 -9.25 16.75 8.96
N ILE A 243 -10.15 15.81 8.71
CA ILE A 243 -9.75 14.53 8.15
C ILE A 243 -10.02 14.56 6.65
N PRO A 244 -8.96 14.53 5.85
CA PRO A 244 -9.17 14.51 4.41
C PRO A 244 -9.90 13.24 4.01
N TYR A 245 -10.84 13.36 3.07
CA TYR A 245 -11.65 12.22 2.64
C TYR A 245 -12.37 11.60 3.82
N SER A 246 -12.78 12.43 4.77
CA SER A 246 -13.36 11.92 6.02
C SER A 246 -14.51 10.92 5.80
N HIS A 247 -15.39 11.22 4.84
CA HIS A 247 -16.58 10.42 4.66
C HIS A 247 -16.20 9.01 4.14
N GLU A 248 -15.31 9.00 3.18
CA GLU A 248 -14.74 7.76 2.70
C GLU A 248 -14.03 6.95 3.78
N ILE A 249 -13.25 7.61 4.63
CA ILE A 249 -12.60 6.92 5.75
C ILE A 249 -13.63 6.33 6.72
N ALA A 250 -14.70 7.07 6.97
CA ALA A 250 -15.74 6.58 7.86
C ALA A 250 -16.46 5.38 7.29
N VAL A 251 -16.70 5.37 5.96
CA VAL A 251 -17.25 4.18 5.31
C VAL A 251 -16.31 2.96 5.51
N MSE A 252 -15.03 3.19 5.35
CA MSE A 252 -14.03 2.15 5.59
C MSE A 252 -14.02 1.65 7.03
O MSE A 252 -14.05 0.45 7.26
CB MSE A 252 -12.67 2.61 5.11
CG MSE A 252 -11.60 1.54 5.31
SE MSE A 252 -9.82 2.22 4.85
CE MSE A 252 -9.54 3.44 6.30
N PHE A 253 -14.09 2.57 8.01
CA PHE A 253 -14.12 2.12 9.41
C PHE A 253 -15.40 1.37 9.74
N GLU A 254 -16.51 1.73 9.12
CA GLU A 254 -17.73 1.02 9.35
C GLU A 254 -17.59 -0.39 8.85
N TRP A 255 -16.90 -0.57 7.70
CA TRP A 255 -16.60 -1.90 7.21
C TRP A 255 -15.63 -2.69 8.15
N PHE A 256 -14.72 -2.00 8.81
CA PHE A 256 -13.89 -2.67 9.84
C PHE A 256 -14.75 -3.20 10.96
N GLN A 257 -15.79 -2.42 11.33
CA GLN A 257 -16.70 -2.82 12.40
C GLN A 257 -17.59 -3.98 11.96
N THR A 258 -18.10 -3.96 10.73
CA THR A 258 -19.11 -4.93 10.28
C THR A 258 -18.50 -6.18 9.70
N ASP A 259 -17.29 -6.06 9.12
CA ASP A 259 -16.76 -7.11 8.29
C ASP A 259 -15.26 -7.30 8.60
N GLY A 260 -14.40 -6.52 7.98
CA GLY A 260 -13.01 -6.54 8.36
C GLY A 260 -12.11 -7.38 7.47
N TYR A 261 -10.81 -7.24 7.70
CA TYR A 261 -9.82 -7.97 6.91
C TYR A 261 -9.68 -9.43 7.32
N ALA A 262 -9.10 -10.22 6.45
CA ALA A 262 -8.99 -11.66 6.63
C ALA A 262 -7.63 -12.23 6.20
N ALA A 263 -6.55 -11.46 6.35
CA ALA A 263 -5.21 -11.99 6.09
C ALA A 263 -4.90 -13.10 7.06
N ASP A 264 -4.08 -14.04 6.60
CA ASP A 264 -3.58 -15.12 7.43
C ASP A 264 -2.15 -14.82 7.90
N ILE A 265 -2.05 -14.09 9.01
CA ILE A 265 -0.77 -13.59 9.52
C ILE A 265 0.25 -14.70 9.68
N ALA A 266 -0.16 -15.81 10.27
CA ALA A 266 0.77 -16.91 10.49
C ALA A 266 1.34 -17.40 9.17
N ALA A 267 0.52 -17.53 8.15
CA ALA A 267 0.99 -18.02 6.84
C ALA A 267 1.99 -17.03 6.23
N LEU A 268 1.70 -15.76 6.41
CA LEU A 268 2.58 -14.73 5.87
C LEU A 268 3.95 -14.72 6.60
N ARG A 269 3.94 -14.88 7.92
CA ARG A 269 5.17 -14.87 8.70
C ARG A 269 6.00 -16.13 8.39
N ALA A 270 5.35 -17.21 8.00
CA ALA A 270 6.08 -18.43 7.57
C ALA A 270 6.90 -18.17 6.33
N ARG A 271 6.38 -17.36 5.44
CA ARG A 271 7.07 -16.98 4.22
C ARG A 271 8.09 -15.87 4.42
N HIS A 272 7.77 -14.96 5.33
CA HIS A 272 8.55 -13.75 5.55
C HIS A 272 8.73 -13.58 7.06
N PRO A 273 9.78 -14.20 7.62
CA PRO A 273 9.90 -14.27 9.06
C PRO A 273 10.10 -12.89 9.74
N GLY A 274 10.51 -11.89 8.96
CA GLY A 274 10.66 -10.53 9.44
C GLY A 274 9.44 -9.64 9.30
N LEU A 275 8.31 -10.21 8.85
CA LEU A 275 7.01 -9.50 8.80
C LEU A 275 6.82 -8.62 10.06
N ARG A 276 6.61 -7.34 9.86
CA ARG A 276 6.61 -6.39 10.98
C ARG A 276 5.35 -6.39 11.79
N THR A 277 5.50 -6.52 13.11
CA THR A 277 4.43 -6.13 14.02
C THR A 277 4.34 -4.61 14.11
N PHE A 278 3.26 -4.09 14.70
CA PHE A 278 3.12 -2.67 14.85
C PHE A 278 4.24 -2.15 15.75
N ALA A 279 4.48 -2.86 16.84
CA ALA A 279 5.56 -2.47 17.76
C ALA A 279 6.92 -2.42 17.06
N ASP A 280 7.22 -3.45 16.27
CA ASP A 280 8.53 -3.45 15.64
CA ASP A 280 8.44 -3.59 15.42
C ASP A 280 8.62 -2.34 14.58
N TRP A 281 7.54 -2.05 13.87
CA TRP A 281 7.49 -1.01 12.88
C TRP A 281 7.65 0.40 13.47
N LEU A 282 6.95 0.68 14.56
CA LEU A 282 7.02 1.98 15.20
C LEU A 282 8.45 2.30 15.55
N ARG A 283 9.13 1.28 16.04
CA ARG A 283 10.48 1.47 16.56
C ARG A 283 11.44 1.73 15.39
N ALA A 284 11.24 0.95 14.33
CA ALA A 284 12.05 1.06 13.12
C ALA A 284 11.89 2.36 12.35
N ILE A 285 10.70 2.94 12.33
CA ILE A 285 10.51 4.21 11.63
C ILE A 285 10.68 5.46 12.51
N GLY A 286 11.06 5.24 13.77
CA GLY A 286 11.24 6.34 14.73
C GLY A 286 10.03 7.29 14.81
N TRP A 287 8.88 6.73 15.14
CA TRP A 287 7.65 7.53 15.19
C TRP A 287 7.76 8.59 16.28
N ARG A 288 7.23 9.77 16.00
CA ARG A 288 7.29 10.89 16.93
C ARG A 288 5.92 11.53 17.12
N VAL A 289 5.67 12.03 18.32
CA VAL A 289 4.40 12.70 18.62
C VAL A 289 4.27 14.07 17.94
N PRO A 290 3.11 14.33 17.28
CA PRO A 290 2.88 15.66 16.67
C PRO A 290 2.03 16.58 17.53
C1 GOL B . -6.61 13.90 28.88
O1 GOL B . -6.07 14.67 29.95
C2 GOL B . -6.54 12.38 29.07
O2 GOL B . -6.77 11.79 27.77
C3 GOL B . -7.55 11.85 30.13
O3 GOL B . -8.96 11.85 29.77
C1 GOL C . 2.40 5.20 -4.09
O1 GOL C . 3.68 4.53 -3.93
C2 GOL C . 1.32 4.62 -3.18
O2 GOL C . 0.15 5.43 -3.38
C3 GOL C . 1.79 4.49 -1.71
O3 GOL C . 0.72 4.17 -0.78
C1 GOL D . -7.50 1.04 2.16
O1 GOL D . -7.14 2.40 2.31
C2 GOL D . -6.65 0.16 3.06
O2 GOL D . -7.53 -0.73 3.72
C3 GOL D . -5.72 -0.70 2.23
O3 GOL D . -4.44 -0.55 2.60
C1 GOL E . -19.73 -0.04 6.13
O1 GOL E . -19.09 0.58 5.05
C2 GOL E . -20.69 -1.13 5.71
O2 GOL E . -20.10 -2.24 6.28
C3 GOL E . -22.10 -0.89 6.27
O3 GOL E . -22.83 -2.10 6.34
C1 GOL F . -3.73 -12.54 -10.56
O1 GOL F . -3.73 -12.94 -9.18
C2 GOL F . -4.55 -13.46 -11.46
O2 GOL F . -5.14 -14.53 -10.70
C3 GOL F . -5.68 -12.65 -12.13
O3 GOL F . -5.20 -11.55 -12.93
S1 DTT G . -18.85 -8.88 -5.74
C1 DTT G . -18.13 -8.12 -7.22
C2 DTT G . -17.54 -6.68 -7.13
O2 DTT G . -17.82 -5.91 -5.93
C3 DTT G . -17.86 -5.94 -8.45
O3 DTT G . -19.19 -6.22 -8.86
C4 DTT G . -17.61 -4.43 -8.45
S4 DTT G . -17.90 -3.82 -10.14
#